data_6KWK
#
_entry.id   6KWK
#
_cell.length_a   88.671
_cell.length_b   77.146
_cell.length_c   62.317
_cell.angle_alpha   90.00
_cell.angle_beta   119.42
_cell.angle_gamma   90.00
#
_symmetry.space_group_name_H-M   'C 1 2 1'
#
loop_
_entity.id
_entity.type
_entity.pdbx_description
1 polymer 'MHC class I antigen'
2 polymer Beta-2-microglobulin
3 polymer peptide
4 water water
#
loop_
_entity_poly.entity_id
_entity_poly.type
_entity_poly.pdbx_seq_one_letter_code
_entity_poly.pdbx_strand_id
1 'polypeptide(L)'
;GPHSLSYFYTAVSRPDRGDSRFIAVGYVDDTQFVRFDNYAPNPRMEPRVPWIQQEGQEYWDRETRNVKETAQTYGVGLNT
LRGYYNQSEAGSHTLQSMYGCYLGPDGLLLHGYRQDAYDGADYIALNEDLRSWTAADMAAQITKRKWEAADEAERRRSYL
QGLCVESLRRYLEMGKDTLQRAEPPKTHVTRHPSSDLGVTLRCWALGFYPKEISLTWQREGQDQSQDMELVETRPSGDGT
FQKWAALVVPPGEEQSYTCHVQHEGLQEPLTLRWD
;
A
2 'polypeptide(L)'
;FVARPPKVQVYSRHPAENGKPNYLNCYVSGFHPPQIEIDLLKNGEKMNAEQSDLSFSKDWSFYLLVHTEFTPNAVDQYSC
RVKHVTLDKPKIVKWDRDH
;
B
3 'polypeptide(L)' MTAHITVPY C
#
# COMPACT_ATOMS: atom_id res chain seq x y z
N GLY A 1 0.14 9.95 -15.53
CA GLY A 1 0.76 11.21 -15.90
C GLY A 1 2.07 11.47 -15.18
N PRO A 2 2.00 12.21 -14.08
CA PRO A 2 3.22 12.48 -13.30
C PRO A 2 3.77 11.22 -12.66
N HIS A 3 5.09 11.17 -12.57
CA HIS A 3 5.79 10.09 -11.88
C HIS A 3 6.21 10.56 -10.50
N SER A 4 6.36 9.61 -9.59
CA SER A 4 6.65 9.94 -8.20
C SER A 4 7.71 9.00 -7.65
N LEU A 5 8.54 9.54 -6.75
CA LEU A 5 9.39 8.75 -5.88
C LEU A 5 8.92 8.97 -4.45
N SER A 6 8.72 7.89 -3.70
CA SER A 6 8.13 7.99 -2.39
C SER A 6 8.77 7.00 -1.45
N TYR A 7 8.86 7.37 -0.17
CA TYR A 7 9.35 6.49 0.87
C TYR A 7 8.36 6.49 2.04
N PHE A 8 8.16 5.31 2.60
CA PHE A 8 7.25 5.09 3.73
C PHE A 8 8.04 4.45 4.87
N TYR A 9 8.08 5.14 6.01
CA TYR A 9 8.74 4.67 7.23
C TYR A 9 7.70 4.30 8.27
N THR A 10 7.90 3.16 8.94
CA THR A 10 7.11 2.78 10.10
C THR A 10 8.07 2.40 11.22
N ALA A 11 7.90 3.05 12.37
CA ALA A 11 8.69 2.77 13.56
C ALA A 11 7.74 2.38 14.68
N VAL A 12 8.02 1.25 15.32
CA VAL A 12 7.13 0.64 16.30
C VAL A 12 7.93 0.40 17.57
N SER A 13 7.61 1.13 18.64
CA SER A 13 8.28 0.90 19.91
C SER A 13 7.75 -0.38 20.54
N ARG A 14 8.66 -1.27 20.92
CA ARG A 14 8.32 -2.47 21.69
C ARG A 14 8.86 -2.26 23.10
N PRO A 15 8.09 -1.64 23.99
CA PRO A 15 8.66 -1.06 25.22
C PRO A 15 9.01 -2.13 26.24
N ASP A 16 10.23 -2.02 26.77
CA ASP A 16 10.95 -3.07 27.51
C ASP A 16 10.54 -4.47 27.07
N ARG A 17 10.25 -4.63 25.78
CA ARG A 17 10.10 -5.91 25.11
C ARG A 17 11.03 -5.97 23.89
N GLY A 18 12.16 -5.28 23.99
CA GLY A 18 13.15 -5.29 22.93
C GLY A 18 13.87 -3.97 22.64
N ASP A 19 13.72 -3.55 21.38
CA ASP A 19 14.23 -2.32 20.77
C ASP A 19 13.16 -1.82 19.79
N SER A 20 13.27 -0.61 19.28
CA SER A 20 12.26 -0.15 18.34
C SER A 20 12.38 -0.70 16.93
N ARG A 21 11.26 -1.14 16.37
CA ARG A 21 11.23 -1.70 15.02
C ARG A 21 11.17 -0.62 13.97
N PHE A 22 11.88 -0.81 12.88
CA PHE A 22 11.85 0.21 11.85
C PHE A 22 11.82 -0.48 10.50
N ILE A 23 10.87 -0.12 9.65
CA ILE A 23 10.80 -0.62 8.28
C ILE A 23 10.60 0.55 7.34
N ALA A 24 11.38 0.59 6.27
CA ALA A 24 11.25 1.58 5.23
C ALA A 24 11.01 0.88 3.90
N VAL A 25 10.08 1.41 3.10
CA VAL A 25 9.82 0.90 1.76
C VAL A 25 9.86 2.06 0.77
N GLY A 26 10.37 1.77 -0.42
CA GLY A 26 10.50 2.78 -1.47
C GLY A 26 9.68 2.41 -2.69
N TYR A 27 9.00 3.39 -3.25
CA TYR A 27 8.17 3.23 -4.41
C TYR A 27 8.49 4.25 -5.50
N VAL A 28 8.30 3.85 -6.75
CA VAL A 28 8.43 4.71 -7.89
C VAL A 28 7.09 4.41 -8.43
N ASP A 29 6.19 5.38 -8.41
CA ASP A 29 4.80 5.25 -8.79
C ASP A 29 4.17 4.23 -7.88
N ASP A 30 3.62 3.17 -8.43
CA ASP A 30 3.03 2.18 -7.58
C ASP A 30 3.85 0.90 -7.56
N THR A 31 5.12 1.00 -7.88
CA THR A 31 6.00 -0.11 -7.92
C THR A 31 7.02 -0.02 -6.86
N GLN A 32 6.99 -0.96 -5.95
CA GLN A 32 7.97 -1.01 -4.86
C GLN A 32 9.30 -1.50 -5.40
N PHE A 33 10.39 -0.90 -4.94
CA PHE A 33 11.70 -1.26 -5.47
C PHE A 33 12.77 -1.52 -4.42
N VAL A 34 12.62 -1.04 -3.19
CA VAL A 34 13.57 -1.31 -2.11
C VAL A 34 12.81 -1.48 -0.80
N ARG A 35 13.52 -2.01 0.20
CA ARG A 35 12.95 -2.21 1.52
C ARG A 35 14.07 -2.36 2.55
N PHE A 36 13.79 -1.90 3.76
CA PHE A 36 14.67 -2.13 4.91
C PHE A 36 13.78 -2.36 6.12
N ASP A 37 14.22 -3.25 7.01
CA ASP A 37 13.44 -3.62 8.19
C ASP A 37 14.42 -4.07 9.26
N ASN A 38 14.43 -3.36 10.40
CA ASN A 38 15.44 -3.62 11.42
C ASN A 38 15.05 -4.73 12.38
N TYR A 39 13.83 -5.24 12.31
CA TYR A 39 13.47 -6.49 12.94
C TYR A 39 13.75 -7.69 12.05
N ALA A 40 14.19 -7.45 10.82
CA ALA A 40 14.57 -8.53 9.93
C ALA A 40 15.80 -9.24 10.49
N PRO A 41 16.00 -10.51 10.09
CA PRO A 41 17.14 -11.27 10.62
C PRO A 41 18.49 -10.60 10.37
N ASN A 42 18.65 -9.87 9.27
CA ASN A 42 19.92 -9.19 8.97
C ASN A 42 19.61 -7.90 8.22
N PRO A 43 19.36 -6.82 8.95
CA PRO A 43 18.89 -5.57 8.33
C PRO A 43 19.87 -5.03 7.29
N ARG A 44 19.37 -4.90 6.06
CA ARG A 44 20.11 -4.32 4.94
C ARG A 44 19.09 -3.75 3.97
N MET A 45 19.51 -2.76 3.19
CA MET A 45 18.66 -2.21 2.14
C MET A 45 18.72 -3.12 0.93
N GLU A 46 17.58 -3.71 0.55
CA GLU A 46 17.55 -4.78 -0.42
C GLU A 46 16.77 -4.40 -1.66
N PRO A 47 17.12 -4.95 -2.82
CA PRO A 47 16.32 -4.74 -4.03
C PRO A 47 15.02 -5.54 -3.97
N ARG A 48 14.00 -5.04 -4.67
CA ARG A 48 12.71 -5.70 -4.72
C ARG A 48 12.13 -5.80 -6.13
N VAL A 49 12.82 -5.26 -7.14
CA VAL A 49 12.47 -5.46 -8.53
C VAL A 49 13.76 -5.81 -9.27
N PRO A 50 13.70 -6.35 -10.49
CA PRO A 50 14.95 -6.63 -11.21
C PRO A 50 15.74 -5.38 -11.58
N TRP A 51 15.08 -4.32 -12.03
CA TRP A 51 15.82 -3.21 -12.64
C TRP A 51 16.74 -2.52 -11.61
N ILE A 52 16.28 -2.34 -10.37
CA ILE A 52 17.04 -1.61 -9.37
C ILE A 52 18.36 -2.28 -9.03
N GLN A 53 18.51 -3.58 -9.34
CA GLN A 53 19.77 -4.26 -9.10
C GLN A 53 20.86 -3.89 -10.10
N GLN A 54 20.51 -3.25 -11.21
CA GLN A 54 21.62 -2.83 -12.05
C GLN A 54 22.37 -1.61 -11.49
N GLU A 55 22.09 -1.28 -10.23
CA GLU A 55 22.82 -0.26 -9.51
C GLU A 55 24.05 -0.86 -8.84
N GLY A 56 25.01 0.02 -8.54
CA GLY A 56 26.28 -0.40 -7.99
C GLY A 56 26.26 -0.66 -6.51
N GLN A 57 27.42 -1.12 -6.01
CA GLN A 57 27.54 -1.41 -4.59
C GLN A 57 27.45 -0.14 -3.74
N GLU A 58 28.03 0.96 -4.24
CA GLU A 58 27.98 2.24 -3.53
C GLU A 58 26.56 2.59 -3.12
N TYR A 59 25.59 2.33 -3.99
CA TYR A 59 24.20 2.65 -3.71
C TYR A 59 23.70 1.90 -2.49
N TRP A 60 23.89 0.58 -2.48
CA TRP A 60 23.39 -0.22 -1.37
C TRP A 60 24.13 0.12 -0.08
N ASP A 61 25.43 0.41 -0.16
CA ASP A 61 26.17 0.87 1.01
C ASP A 61 25.54 2.15 1.59
N ARG A 62 25.48 3.20 0.76
CA ARG A 62 24.94 4.48 1.22
C ARG A 62 23.54 4.34 1.78
N GLU A 63 22.66 3.66 1.03
CA GLU A 63 21.27 3.55 1.43
C GLU A 63 21.12 2.75 2.72
N THR A 64 21.81 1.61 2.81
CA THR A 64 21.79 0.82 4.04
C THR A 64 22.16 1.67 5.23
N ARG A 65 23.32 2.34 5.17
CA ARG A 65 23.73 3.11 6.35
C ARG A 65 22.76 4.23 6.65
N ASN A 66 22.30 4.95 5.62
CA ASN A 66 21.42 6.09 5.84
C ASN A 66 20.13 5.67 6.55
N VAL A 67 19.51 4.59 6.08
CA VAL A 67 18.30 4.12 6.74
C VAL A 67 18.62 3.58 8.13
N LYS A 68 19.83 3.06 8.33
CA LYS A 68 20.21 2.59 9.67
C LYS A 68 20.33 3.75 10.65
N GLU A 69 20.83 4.90 10.18
CA GLU A 69 20.83 6.09 11.03
C GLU A 69 19.41 6.56 11.31
N THR A 70 18.59 6.63 10.25
CA THR A 70 17.21 7.07 10.38
C THR A 70 16.45 6.23 11.41
N ALA A 71 16.71 4.92 11.44
CA ALA A 71 16.03 4.05 12.39
C ALA A 71 16.34 4.43 13.83
N GLN A 72 17.61 4.75 14.12
CA GLN A 72 17.97 5.15 15.47
C GLN A 72 17.32 6.48 15.84
N THR A 73 17.30 7.44 14.90
CA THR A 73 16.64 8.70 15.18
C THR A 73 15.15 8.49 15.46
N TYR A 74 14.55 7.50 14.80
CA TYR A 74 13.13 7.25 15.04
C TYR A 74 12.89 6.55 16.37
N GLY A 75 13.81 5.65 16.76
CA GLY A 75 13.77 5.12 18.11
C GLY A 75 13.85 6.22 19.15
N VAL A 76 14.63 7.26 18.86
CA VAL A 76 14.67 8.43 19.74
C VAL A 76 13.33 9.16 19.74
N GLY A 77 12.79 9.40 18.55
CA GLY A 77 11.58 10.19 18.44
C GLY A 77 10.36 9.54 19.04
N LEU A 78 10.33 8.20 19.05
CA LEU A 78 9.23 7.50 19.71
C LEU A 78 9.18 7.83 21.20
N ASN A 79 10.33 7.85 21.86
CA ASN A 79 10.35 8.17 23.29
C ASN A 79 10.16 9.66 23.53
N THR A 80 10.60 10.49 22.58
CA THR A 80 10.31 11.92 22.68
C THR A 80 8.79 12.16 22.65
N LEU A 81 8.10 11.50 21.72
CA LEU A 81 6.65 11.57 21.64
C LEU A 81 6.00 11.00 22.89
N ARG A 82 6.49 9.82 23.34
CA ARG A 82 6.15 9.28 24.64
C ARG A 82 6.10 10.39 25.68
N GLY A 83 7.15 11.22 25.74
CA GLY A 83 7.19 12.31 26.71
C GLY A 83 6.20 13.43 26.44
N TYR A 84 6.08 13.86 25.18
CA TYR A 84 5.16 14.93 24.80
C TYR A 84 3.74 14.64 25.25
N TYR A 85 3.23 13.46 24.90
CA TYR A 85 1.90 13.03 25.30
C TYR A 85 1.86 12.46 26.70
N ASN A 86 3.00 12.43 27.41
CA ASN A 86 3.08 11.92 28.77
C ASN A 86 2.50 10.51 28.87
N GLN A 87 3.13 9.59 28.16
CA GLN A 87 2.68 8.21 28.08
C GLN A 87 3.68 7.28 28.76
N SER A 88 3.19 6.11 29.15
CA SER A 88 3.99 5.17 29.93
C SER A 88 5.01 4.47 29.04
N GLU A 89 6.07 3.99 29.67
CA GLU A 89 7.14 3.32 28.96
C GLU A 89 6.83 1.87 28.66
N ALA A 90 5.58 1.42 28.83
CA ALA A 90 5.20 0.02 28.71
C ALA A 90 4.40 -0.29 27.46
N GLY A 91 3.53 0.62 27.02
CA GLY A 91 2.66 0.36 25.87
C GLY A 91 3.33 0.71 24.55
N SER A 92 3.12 -0.16 23.56
CA SER A 92 3.72 0.04 22.25
C SER A 92 3.09 1.24 21.54
N HIS A 93 3.89 1.92 20.72
CA HIS A 93 3.42 3.08 19.98
C HIS A 93 4.01 3.07 18.58
N THR A 94 3.43 3.87 17.70
CA THR A 94 3.74 3.86 16.28
C THR A 94 4.05 5.28 15.80
N LEU A 95 5.08 5.38 14.96
CA LEU A 95 5.47 6.63 14.30
C LEU A 95 5.63 6.33 12.82
N GLN A 96 4.82 6.97 11.98
CA GLN A 96 4.87 6.76 10.55
C GLN A 96 5.26 8.04 9.85
N SER A 97 5.99 7.88 8.76
CA SER A 97 6.38 9.00 7.91
C SER A 97 6.23 8.61 6.46
N MET A 98 5.74 9.54 5.65
CA MET A 98 5.78 9.35 4.20
C MET A 98 6.27 10.63 3.56
N TYR A 99 7.21 10.49 2.63
CA TYR A 99 7.68 11.67 1.91
C TYR A 99 8.00 11.28 0.48
N GLY A 100 8.12 12.30 -0.37
CA GLY A 100 8.43 12.02 -1.76
C GLY A 100 8.26 13.25 -2.63
N CYS A 101 8.45 13.01 -3.92
CA CYS A 101 8.46 14.06 -4.93
C CYS A 101 7.79 13.57 -6.20
N TYR A 102 7.04 14.46 -6.84
CA TYR A 102 6.46 14.20 -8.16
C TYR A 102 7.19 15.04 -9.19
N LEU A 103 7.44 14.46 -10.36
CA LEU A 103 8.18 15.12 -11.42
C LEU A 103 7.20 15.81 -12.38
N GLY A 104 7.51 17.05 -12.74
CA GLY A 104 6.72 17.75 -13.71
C GLY A 104 6.97 17.22 -15.10
N PRO A 105 6.44 17.90 -16.12
CA PRO A 105 6.81 17.52 -17.49
C PRO A 105 8.22 17.94 -17.85
N ASP A 106 8.72 19.02 -17.25
CA ASP A 106 10.04 19.54 -17.57
C ASP A 106 11.17 18.72 -16.96
N GLY A 107 10.85 17.70 -16.16
CA GLY A 107 11.88 16.96 -15.47
C GLY A 107 12.34 17.58 -14.17
N LEU A 108 11.51 18.43 -13.56
CA LEU A 108 11.81 19.05 -12.28
C LEU A 108 10.59 18.91 -11.38
N LEU A 109 10.74 19.39 -10.15
CA LEU A 109 9.75 19.15 -9.10
C LEU A 109 8.40 19.79 -9.43
N LEU A 110 7.36 18.96 -9.53
CA LEU A 110 6.00 19.49 -9.60
C LEU A 110 5.44 19.76 -8.22
N HIS A 111 5.64 18.84 -7.28
CA HIS A 111 5.29 19.05 -5.88
C HIS A 111 5.92 17.97 -5.03
N GLY A 112 6.37 18.37 -3.84
CA GLY A 112 6.93 17.44 -2.87
C GLY A 112 6.10 17.37 -1.61
N TYR A 113 6.30 16.33 -0.80
CA TYR A 113 5.49 16.17 0.39
C TYR A 113 6.26 15.41 1.46
N ARG A 114 5.88 15.67 2.71
CA ARG A 114 6.47 15.03 3.88
C ARG A 114 5.45 15.14 5.02
N GLN A 115 4.98 13.99 5.52
CA GLN A 115 3.98 14.01 6.58
C GLN A 115 4.25 12.87 7.55
N ASP A 116 3.94 13.11 8.83
CA ASP A 116 4.13 12.13 9.88
C ASP A 116 2.83 11.92 10.63
N ALA A 117 2.72 10.73 11.24
CA ALA A 117 1.61 10.38 12.10
C ALA A 117 2.14 9.65 13.32
N TYR A 118 1.50 9.89 14.47
CA TYR A 118 1.82 9.19 15.70
C TYR A 118 0.60 8.41 16.13
N ASP A 119 0.75 7.09 16.24
CA ASP A 119 -0.36 6.20 16.60
C ASP A 119 -1.53 6.34 15.62
N GLY A 120 -1.20 6.47 14.34
CA GLY A 120 -2.20 6.48 13.29
C GLY A 120 -2.97 7.75 13.13
N ALA A 121 -2.59 8.83 13.82
CA ALA A 121 -3.24 10.12 13.68
C ALA A 121 -2.23 11.16 13.23
N ASP A 122 -2.71 12.13 12.44
CA ASP A 122 -1.86 13.20 11.94
C ASP A 122 -1.05 13.83 13.06
N TYR A 123 0.25 13.99 12.81
CA TYR A 123 1.14 14.65 13.76
C TYR A 123 1.60 15.98 13.16
N ILE A 124 2.53 15.97 12.21
CA ILE A 124 3.07 17.18 11.61
C ILE A 124 3.21 16.96 10.11
N ALA A 125 3.03 18.03 9.35
CA ALA A 125 3.13 17.92 7.90
C ALA A 125 3.79 19.16 7.31
N LEU A 126 4.69 18.93 6.35
CA LEU A 126 5.23 20.03 5.56
C LEU A 126 4.19 20.49 4.55
N ASN A 127 3.88 21.79 4.57
CA ASN A 127 2.91 22.32 3.63
C ASN A 127 3.47 22.29 2.21
N GLU A 128 2.58 22.59 1.26
CA GLU A 128 2.95 22.46 -0.15
C GLU A 128 4.03 23.47 -0.54
N ASP A 129 4.15 24.58 0.19
CA ASP A 129 5.19 25.55 -0.11
C ASP A 129 6.59 25.02 0.22
N LEU A 130 6.68 23.88 0.92
CA LEU A 130 7.94 23.33 1.41
C LEU A 130 8.70 24.31 2.28
N ARG A 131 7.99 25.26 2.89
CA ARG A 131 8.59 26.24 3.79
C ARG A 131 7.90 26.36 5.14
N SER A 132 6.65 25.90 5.27
CA SER A 132 5.90 26.03 6.52
C SER A 132 5.38 24.66 6.95
N TRP A 133 5.02 24.58 8.24
CA TRP A 133 4.59 23.34 8.86
C TRP A 133 3.18 23.48 9.41
N THR A 134 2.40 22.40 9.29
CA THR A 134 1.10 22.29 9.93
C THR A 134 1.20 21.24 11.02
N ALA A 135 1.03 21.67 12.27
CA ALA A 135 1.08 20.78 13.43
C ALA A 135 -0.34 20.48 13.89
N ALA A 136 -0.61 19.20 14.14
CA ALA A 136 -1.97 18.77 14.45
C ALA A 136 -2.38 19.10 15.89
N ASP A 137 -1.44 19.04 16.83
CA ASP A 137 -1.73 19.33 18.24
C ASP A 137 -0.53 20.07 18.83
N MET A 138 -0.55 20.24 20.15
CA MET A 138 0.46 21.05 20.83
C MET A 138 1.77 20.31 21.04
N ALA A 139 1.79 18.99 20.92
CA ALA A 139 3.06 18.25 20.92
C ALA A 139 3.76 18.39 19.57
N ALA A 140 3.00 18.20 18.49
CA ALA A 140 3.49 18.54 17.16
C ALA A 140 3.92 19.99 17.07
N GLN A 141 3.38 20.87 17.93
CA GLN A 141 3.83 22.26 17.93
C GLN A 141 5.22 22.39 18.54
N ILE A 142 5.53 21.59 19.57
CA ILE A 142 6.90 21.50 20.07
C ILE A 142 7.84 21.06 18.96
N THR A 143 7.48 19.99 18.26
CA THR A 143 8.29 19.53 17.14
C THR A 143 8.44 20.61 16.08
N LYS A 144 7.36 21.37 15.83
CA LYS A 144 7.40 22.43 14.82
C LYS A 144 8.33 23.56 15.23
N ARG A 145 8.33 23.95 16.50
CA ARG A 145 9.29 24.95 16.97
C ARG A 145 10.72 24.46 16.77
N LYS A 146 10.98 23.20 17.13
CA LYS A 146 12.30 22.62 16.87
C LYS A 146 12.69 22.76 15.41
N TRP A 147 11.79 22.36 14.50
CA TRP A 147 12.13 22.32 13.09
C TRP A 147 12.20 23.72 12.48
N GLU A 148 11.49 24.69 13.07
CA GLU A 148 11.66 26.07 12.66
C GLU A 148 13.04 26.59 13.06
N ALA A 149 13.50 26.23 14.26
CA ALA A 149 14.80 26.72 14.72
C ALA A 149 15.93 26.13 13.91
N ALA A 150 15.80 24.86 13.52
CA ALA A 150 16.83 24.19 12.71
C ALA A 150 16.70 24.48 11.23
N ASP A 151 15.74 25.33 10.83
CA ASP A 151 15.44 25.59 9.42
C ASP A 151 15.30 24.28 8.65
N GLU A 152 14.53 23.37 9.24
CA GLU A 152 14.39 22.02 8.69
C GLU A 152 13.65 22.03 7.36
N ALA A 153 12.69 22.96 7.21
CA ALA A 153 11.95 23.04 5.96
C ALA A 153 12.88 23.25 4.77
N GLU A 154 13.96 24.02 4.97
CA GLU A 154 14.90 24.23 3.88
C GLU A 154 15.68 22.97 3.55
N ARG A 155 16.03 22.17 4.56
CA ARG A 155 16.67 20.89 4.31
C ARG A 155 15.76 19.98 3.48
N ARG A 156 14.50 19.87 3.89
CA ARG A 156 13.56 19.03 3.15
C ARG A 156 13.36 19.56 1.74
N ARG A 157 13.29 20.88 1.58
CA ARG A 157 13.12 21.47 0.25
C ARG A 157 14.32 21.17 -0.64
N SER A 158 15.53 21.28 -0.08
CA SER A 158 16.73 20.95 -0.84
C SER A 158 16.71 19.49 -1.28
N TYR A 159 16.29 18.59 -0.40
CA TYR A 159 16.20 17.18 -0.80
C TYR A 159 15.16 16.99 -1.90
N LEU A 160 13.98 17.59 -1.73
CA LEU A 160 12.88 17.33 -2.66
C LEU A 160 13.14 17.94 -4.04
N GLN A 161 13.90 19.03 -4.11
CA GLN A 161 14.17 19.67 -5.39
C GLN A 161 15.38 19.12 -6.09
N GLY A 162 16.31 18.53 -5.35
CA GLY A 162 17.56 18.01 -5.86
C GLY A 162 17.55 16.50 -5.88
N LEU A 163 18.01 15.87 -4.80
CA LEU A 163 18.32 14.44 -4.82
C LEU A 163 17.08 13.59 -5.11
N CYS A 164 15.90 14.02 -4.66
CA CYS A 164 14.70 13.22 -4.89
C CYS A 164 14.38 13.12 -6.38
N VAL A 165 14.32 14.26 -7.07
CA VAL A 165 13.95 14.23 -8.48
C VAL A 165 15.07 13.67 -9.33
N GLU A 166 16.33 13.86 -8.92
CA GLU A 166 17.45 13.27 -9.66
C GLU A 166 17.42 11.75 -9.56
N SER A 167 17.20 11.23 -8.34
CA SER A 167 17.06 9.80 -8.13
C SER A 167 15.88 9.26 -8.94
N LEU A 168 14.76 9.99 -8.93
CA LEU A 168 13.59 9.54 -9.69
C LEU A 168 13.88 9.51 -11.19
N ARG A 169 14.62 10.51 -11.68
CA ARG A 169 14.98 10.54 -13.10
C ARG A 169 15.82 9.32 -13.47
N ARG A 170 16.80 8.98 -12.64
CA ARG A 170 17.63 7.81 -12.94
C ARG A 170 16.83 6.52 -12.84
N TYR A 171 16.00 6.39 -11.81
CA TYR A 171 15.16 5.20 -11.66
C TYR A 171 14.24 5.03 -12.86
N LEU A 172 13.71 6.12 -13.39
CA LEU A 172 12.79 6.06 -14.52
C LEU A 172 13.47 5.62 -15.81
N GLU A 173 14.79 5.52 -15.84
CA GLU A 173 15.50 4.93 -16.97
C GLU A 173 16.01 3.53 -16.68
N MET A 174 16.43 3.25 -15.44
CA MET A 174 16.80 1.89 -15.09
C MET A 174 15.64 0.93 -15.25
N GLY A 175 14.41 1.41 -15.04
CA GLY A 175 13.24 0.57 -15.17
C GLY A 175 12.30 1.04 -16.27
N LYS A 176 12.85 1.65 -17.32
CA LYS A 176 12.07 2.12 -18.46
C LYS A 176 11.07 1.09 -18.95
N ASP A 177 11.50 -0.17 -18.97
CA ASP A 177 10.69 -1.30 -19.42
C ASP A 177 9.26 -1.24 -18.89
N THR A 178 9.11 -1.13 -17.57
CA THR A 178 7.82 -1.28 -16.93
C THR A 178 7.29 -0.03 -16.26
N LEU A 179 8.14 0.98 -16.03
CA LEU A 179 7.70 2.16 -15.30
C LEU A 179 6.92 3.13 -16.18
N GLN A 180 7.34 3.29 -17.43
CA GLN A 180 6.78 4.31 -18.32
C GLN A 180 5.83 3.74 -19.36
N ARG A 181 5.41 2.48 -19.19
CA ARG A 181 4.33 1.90 -19.98
C ARG A 181 3.16 1.59 -19.05
N ALA A 182 1.95 1.87 -19.50
CA ALA A 182 0.75 1.58 -18.74
C ALA A 182 0.17 0.25 -19.18
N GLU A 183 -0.36 -0.51 -18.22
CA GLU A 183 -1.05 -1.76 -18.52
C GLU A 183 -2.54 -1.55 -18.35
N PRO A 184 -3.34 -1.64 -19.40
CA PRO A 184 -4.79 -1.49 -19.26
C PRO A 184 -5.37 -2.71 -18.58
N PRO A 185 -6.57 -2.60 -18.02
CA PRO A 185 -7.17 -3.75 -17.35
C PRO A 185 -7.68 -4.78 -18.34
N LYS A 186 -7.63 -6.03 -17.91
CA LYS A 186 -8.32 -7.12 -18.58
C LYS A 186 -9.69 -7.30 -17.92
N THR A 187 -10.75 -7.03 -18.67
CA THR A 187 -12.08 -6.87 -18.08
C THR A 187 -13.03 -7.96 -18.55
N HIS A 188 -13.87 -8.42 -17.64
CA HIS A 188 -14.97 -9.32 -17.96
C HIS A 188 -16.04 -9.17 -16.88
N VAL A 189 -17.27 -9.56 -17.22
CA VAL A 189 -18.41 -9.46 -16.33
C VAL A 189 -18.85 -10.87 -15.94
N THR A 190 -19.14 -11.06 -14.66
CA THR A 190 -19.50 -12.35 -14.09
C THR A 190 -20.94 -12.29 -13.60
N ARG A 191 -21.68 -13.39 -13.80
CA ARG A 191 -23.07 -13.47 -13.39
C ARG A 191 -23.23 -14.52 -12.31
N HIS A 192 -23.99 -14.19 -11.26
CA HIS A 192 -24.25 -15.10 -10.15
C HIS A 192 -25.74 -15.20 -9.90
N PRO A 193 -26.37 -16.36 -10.13
CA PRO A 193 -27.77 -16.52 -9.74
C PRO A 193 -27.91 -16.62 -8.22
N SER A 194 -28.26 -15.50 -7.59
CA SER A 194 -28.38 -15.47 -6.14
C SER A 194 -29.73 -15.98 -5.68
N SER A 195 -30.81 -15.45 -6.25
CA SER A 195 -32.15 -15.94 -5.97
C SER A 195 -32.99 -15.73 -7.22
N ASP A 196 -34.31 -15.92 -7.09
CA ASP A 196 -35.22 -15.67 -8.20
C ASP A 196 -35.80 -14.28 -8.16
N LEU A 197 -35.26 -13.39 -7.33
CA LEU A 197 -35.55 -11.96 -7.38
C LEU A 197 -34.27 -11.13 -7.40
N GLY A 198 -33.17 -11.73 -7.85
CA GLY A 198 -31.90 -11.03 -7.93
C GLY A 198 -30.74 -11.90 -8.39
N VAL A 199 -30.00 -11.42 -9.39
CA VAL A 199 -28.74 -12.02 -9.79
C VAL A 199 -27.65 -10.97 -9.62
N THR A 200 -26.43 -11.44 -9.38
CA THR A 200 -25.31 -10.56 -9.06
C THR A 200 -24.41 -10.43 -10.28
N LEU A 201 -24.22 -9.20 -10.73
CA LEU A 201 -23.29 -8.89 -11.83
C LEU A 201 -22.01 -8.33 -11.25
N ARG A 202 -20.89 -8.96 -11.58
CA ARG A 202 -19.57 -8.56 -11.09
C ARG A 202 -18.70 -8.18 -12.28
N CYS A 203 -18.26 -6.93 -12.31
CA CYS A 203 -17.38 -6.40 -13.35
C CYS A 203 -15.95 -6.41 -12.83
N TRP A 204 -15.07 -7.13 -13.53
CA TRP A 204 -13.70 -7.35 -13.11
C TRP A 204 -12.74 -6.48 -13.91
N ALA A 205 -11.67 -6.03 -13.25
CA ALA A 205 -10.54 -5.39 -13.90
C ALA A 205 -9.28 -6.01 -13.32
N LEU A 206 -8.50 -6.68 -14.16
CA LEU A 206 -7.35 -7.44 -13.73
C LEU A 206 -6.11 -7.04 -14.50
N GLY A 207 -4.96 -7.15 -13.83
CA GLY A 207 -3.68 -6.98 -14.50
C GLY A 207 -3.37 -5.59 -14.98
N PHE A 208 -3.86 -4.56 -14.29
CA PHE A 208 -3.65 -3.19 -14.73
C PHE A 208 -2.60 -2.49 -13.88
N TYR A 209 -1.92 -1.51 -14.50
CA TYR A 209 -0.90 -0.69 -13.90
C TYR A 209 -0.95 0.65 -14.64
N PRO A 210 -0.96 1.79 -13.93
CA PRO A 210 -0.85 1.88 -12.47
C PRO A 210 -2.16 1.64 -11.72
N LYS A 211 -2.17 2.01 -10.44
CA LYS A 211 -3.19 1.54 -9.52
C LYS A 211 -4.53 2.24 -9.75
N GLU A 212 -4.50 3.52 -10.09
CA GLU A 212 -5.73 4.30 -10.20
C GLU A 212 -6.63 3.77 -11.30
N ILE A 213 -7.91 3.62 -11.00
CA ILE A 213 -8.89 3.13 -11.97
C ILE A 213 -10.27 3.59 -11.53
N SER A 214 -11.21 3.65 -12.47
CA SER A 214 -12.60 3.95 -12.20
C SER A 214 -13.48 2.83 -12.72
N LEU A 215 -14.30 2.26 -11.84
CA LEU A 215 -15.26 1.22 -12.18
C LEU A 215 -16.64 1.65 -11.72
N THR A 216 -17.58 1.78 -12.65
CA THR A 216 -18.95 2.16 -12.29
C THR A 216 -19.94 1.28 -13.04
N TRP A 217 -21.18 1.24 -12.56
CA TRP A 217 -22.26 0.54 -13.23
C TRP A 217 -23.34 1.54 -13.62
N GLN A 218 -23.95 1.33 -14.78
CA GLN A 218 -25.00 2.17 -15.32
C GLN A 218 -26.17 1.29 -15.75
N ARG A 219 -27.38 1.85 -15.70
CA ARG A 219 -28.55 1.23 -16.28
C ARG A 219 -29.23 2.24 -17.19
N GLU A 220 -29.22 1.95 -18.49
CA GLU A 220 -29.81 2.80 -19.51
C GLU A 220 -29.26 4.22 -19.48
N GLY A 221 -28.14 4.45 -18.81
CA GLY A 221 -27.41 5.70 -18.86
C GLY A 221 -27.16 6.36 -17.53
N GLN A 222 -27.83 5.93 -16.46
CA GLN A 222 -27.73 6.60 -15.17
C GLN A 222 -26.95 5.75 -14.18
N ASP A 223 -26.15 6.42 -13.35
CA ASP A 223 -25.22 5.77 -12.44
C ASP A 223 -25.96 5.04 -11.33
N GLN A 224 -25.32 3.99 -10.79
CA GLN A 224 -25.89 3.18 -9.73
C GLN A 224 -24.84 2.85 -8.68
N SER A 225 -23.94 3.79 -8.38
CA SER A 225 -23.03 3.62 -7.26
C SER A 225 -23.76 3.60 -5.93
N GLN A 226 -25.05 3.95 -5.93
CA GLN A 226 -25.84 3.96 -4.69
C GLN A 226 -26.10 2.56 -4.17
N ASP A 227 -26.09 1.55 -5.05
CA ASP A 227 -26.37 0.18 -4.65
C ASP A 227 -25.29 -0.78 -5.11
N MET A 228 -24.07 -0.28 -5.34
CA MET A 228 -22.99 -1.05 -5.94
C MET A 228 -21.91 -1.34 -4.90
N GLU A 229 -21.44 -2.59 -4.86
CA GLU A 229 -20.33 -2.96 -4.00
C GLU A 229 -19.02 -2.83 -4.77
N LEU A 230 -18.03 -2.19 -4.15
CA LEU A 230 -16.79 -1.82 -4.81
C LEU A 230 -15.63 -2.17 -3.89
N VAL A 231 -14.90 -3.23 -4.21
CA VAL A 231 -13.77 -3.62 -3.37
C VAL A 231 -12.62 -2.65 -3.54
N GLU A 232 -11.81 -2.53 -2.49
CA GLU A 232 -10.60 -1.74 -2.58
C GLU A 232 -9.62 -2.39 -3.54
N THR A 233 -8.98 -1.57 -4.37
CA THR A 233 -7.96 -2.06 -5.28
C THR A 233 -6.91 -2.86 -4.51
N ARG A 234 -6.52 -3.99 -5.08
CA ARG A 234 -5.62 -4.93 -4.40
C ARG A 234 -4.51 -5.38 -5.34
N PRO A 235 -3.35 -5.71 -4.79
CA PRO A 235 -2.24 -6.16 -5.65
C PRO A 235 -2.43 -7.59 -6.12
N SER A 236 -2.02 -7.83 -7.37
CA SER A 236 -2.06 -9.20 -7.88
C SER A 236 -0.93 -10.05 -7.30
N GLY A 237 0.12 -9.41 -6.78
CA GLY A 237 1.30 -10.11 -6.33
C GLY A 237 2.43 -10.12 -7.34
N ASP A 238 2.18 -9.65 -8.56
CA ASP A 238 3.20 -9.60 -9.60
C ASP A 238 3.50 -8.16 -10.04
N GLY A 239 3.06 -7.16 -9.28
CA GLY A 239 3.26 -5.77 -9.64
C GLY A 239 2.06 -5.11 -10.28
N THR A 240 1.03 -5.87 -10.63
CA THR A 240 -0.19 -5.33 -11.21
C THR A 240 -1.28 -5.26 -10.13
N PHE A 241 -2.51 -4.97 -10.55
CA PHE A 241 -3.57 -4.68 -9.59
C PHE A 241 -4.89 -5.27 -10.08
N GLN A 242 -5.79 -5.52 -9.13
CA GLN A 242 -7.11 -6.07 -9.39
C GLN A 242 -8.16 -5.18 -8.74
N LYS A 243 -9.38 -5.28 -9.26
CA LYS A 243 -10.53 -4.61 -8.66
C LYS A 243 -11.79 -5.21 -9.28
N TRP A 244 -12.90 -5.15 -8.55
CA TRP A 244 -14.19 -5.48 -9.14
C TRP A 244 -15.29 -4.64 -8.51
N ALA A 245 -16.39 -4.52 -9.25
CA ALA A 245 -17.57 -3.78 -8.81
C ALA A 245 -18.80 -4.64 -9.12
N ALA A 246 -19.61 -4.90 -8.10
CA ALA A 246 -20.74 -5.81 -8.24
C ALA A 246 -22.04 -5.11 -7.85
N LEU A 247 -23.13 -5.58 -8.42
CA LEU A 247 -24.45 -5.06 -8.08
C LEU A 247 -25.51 -6.13 -8.32
N VAL A 248 -26.68 -5.92 -7.73
CA VAL A 248 -27.79 -6.85 -7.79
C VAL A 248 -28.81 -6.33 -8.78
N VAL A 249 -29.13 -7.13 -9.79
CA VAL A 249 -30.03 -6.71 -10.85
C VAL A 249 -31.16 -7.73 -10.93
N PRO A 250 -32.31 -7.34 -11.45
CA PRO A 250 -33.42 -8.28 -11.60
C PRO A 250 -33.10 -9.32 -12.66
N PRO A 251 -33.52 -10.57 -12.46
CA PRO A 251 -33.29 -11.60 -13.47
C PRO A 251 -33.96 -11.25 -14.79
N GLY A 252 -33.17 -11.21 -15.86
CA GLY A 252 -33.65 -10.88 -17.18
C GLY A 252 -33.23 -9.50 -17.66
N GLU A 253 -32.80 -8.62 -16.75
CA GLU A 253 -32.38 -7.27 -17.08
C GLU A 253 -30.87 -7.14 -17.18
N GLU A 254 -30.15 -8.23 -17.46
CA GLU A 254 -28.69 -8.20 -17.47
C GLU A 254 -28.18 -7.22 -18.53
N GLN A 255 -28.67 -7.36 -19.77
CA GLN A 255 -28.24 -6.48 -20.84
C GLN A 255 -28.57 -5.02 -20.56
N SER A 256 -29.52 -4.76 -19.67
CA SER A 256 -29.90 -3.39 -19.33
C SER A 256 -28.80 -2.66 -18.56
N TYR A 257 -27.76 -3.37 -18.11
CA TYR A 257 -26.70 -2.79 -17.30
C TYR A 257 -25.37 -2.80 -18.05
N THR A 258 -24.58 -1.73 -17.85
CA THR A 258 -23.27 -1.58 -18.45
C THR A 258 -22.23 -1.23 -17.39
N CYS A 259 -21.07 -1.85 -17.46
CA CYS A 259 -19.95 -1.52 -16.60
C CYS A 259 -19.01 -0.58 -17.34
N HIS A 260 -18.62 0.52 -16.69
CA HIS A 260 -17.77 1.53 -17.29
C HIS A 260 -16.43 1.54 -16.58
N VAL A 261 -15.35 1.45 -17.36
CA VAL A 261 -13.98 1.38 -16.87
C VAL A 261 -13.21 2.56 -17.42
N GLN A 262 -12.48 3.26 -16.54
CA GLN A 262 -11.59 4.34 -16.93
C GLN A 262 -10.21 4.07 -16.35
N HIS A 263 -9.20 4.11 -17.22
CA HIS A 263 -7.83 3.82 -16.82
C HIS A 263 -6.88 4.42 -17.85
N GLU A 264 -5.77 4.99 -17.37
CA GLU A 264 -4.81 5.67 -18.24
C GLU A 264 -4.18 4.73 -19.27
N GLY A 265 -4.29 3.41 -19.09
CA GLY A 265 -3.81 2.47 -20.09
C GLY A 265 -4.76 2.24 -21.24
N LEU A 266 -5.97 2.78 -21.14
CA LEU A 266 -6.97 2.67 -22.20
C LEU A 266 -6.96 3.93 -23.07
N GLN A 267 -7.32 3.76 -24.34
CA GLN A 267 -7.37 4.90 -25.24
C GLN A 267 -8.68 5.68 -25.14
N GLU A 268 -9.71 5.09 -24.55
CA GLU A 268 -11.00 5.75 -24.39
C GLU A 268 -11.81 5.01 -23.33
N PRO A 269 -12.81 5.66 -22.75
CA PRO A 269 -13.62 5.00 -21.70
C PRO A 269 -14.24 3.69 -22.17
N LEU A 270 -13.99 2.64 -21.41
CA LEU A 270 -14.45 1.30 -21.73
C LEU A 270 -15.88 1.08 -21.25
N THR A 271 -16.67 0.38 -22.05
CA THR A 271 -18.02 -0.03 -21.68
C THR A 271 -18.15 -1.54 -21.84
N LEU A 272 -18.90 -2.16 -20.95
CA LEU A 272 -18.95 -3.60 -20.77
C LEU A 272 -20.38 -4.05 -20.55
N ARG A 273 -20.70 -5.23 -21.06
CA ARG A 273 -21.97 -5.89 -20.76
C ARG A 273 -21.70 -7.37 -20.50
N TRP A 274 -22.59 -8.00 -19.75
CA TRP A 274 -22.43 -9.43 -19.47
C TRP A 274 -22.77 -10.23 -20.72
N ASP A 275 -21.76 -10.86 -21.30
CA ASP A 275 -21.96 -11.81 -22.39
C ASP A 275 -21.08 -13.04 -22.16
N PHE B 1 -4.88 6.71 21.30
CA PHE B 1 -4.41 6.10 20.06
C PHE B 1 -5.52 5.29 19.38
N VAL B 2 -5.17 4.59 18.31
CA VAL B 2 -6.16 3.98 17.44
C VAL B 2 -5.93 2.48 17.32
N ALA B 3 -7.00 1.76 17.01
CA ALA B 3 -6.96 0.34 16.70
C ALA B 3 -7.98 0.06 15.61
N ARG B 4 -7.56 -0.61 14.55
CA ARG B 4 -8.39 -0.83 13.38
C ARG B 4 -8.34 -2.32 12.99
N PRO B 5 -9.47 -2.94 12.70
CA PRO B 5 -9.46 -4.34 12.30
C PRO B 5 -9.18 -4.46 10.81
N PRO B 6 -8.49 -5.52 10.39
CA PRO B 6 -8.12 -5.61 8.97
C PRO B 6 -9.30 -6.01 8.10
N LYS B 7 -9.40 -5.35 6.96
CA LYS B 7 -10.16 -5.87 5.83
C LYS B 7 -9.36 -6.98 5.18
N VAL B 8 -10.03 -8.10 4.91
CA VAL B 8 -9.40 -9.30 4.40
C VAL B 8 -10.00 -9.62 3.04
N GLN B 9 -9.14 -9.76 2.03
CA GLN B 9 -9.54 -10.21 0.70
C GLN B 9 -8.75 -11.47 0.35
N VAL B 10 -9.45 -12.53 -0.02
CA VAL B 10 -8.82 -13.80 -0.41
C VAL B 10 -9.10 -14.04 -1.88
N TYR B 11 -8.03 -14.23 -2.66
CA TYR B 11 -8.18 -14.30 -4.11
C TYR B 11 -6.94 -14.93 -4.72
N SER B 12 -7.04 -15.29 -6.00
CA SER B 12 -5.90 -15.82 -6.73
C SER B 12 -5.26 -14.72 -7.57
N ARG B 13 -3.96 -14.88 -7.83
CA ARG B 13 -3.24 -13.91 -8.65
C ARG B 13 -3.88 -13.78 -10.03
N HIS B 14 -4.22 -14.91 -10.64
CA HIS B 14 -4.88 -14.98 -11.93
C HIS B 14 -6.20 -15.72 -11.77
N PRO B 15 -7.12 -15.60 -12.73
CA PRO B 15 -8.37 -16.36 -12.66
C PRO B 15 -8.11 -17.85 -12.53
N ALA B 16 -8.80 -18.49 -11.60
CA ALA B 16 -8.53 -19.88 -11.25
C ALA B 16 -9.13 -20.83 -12.28
N GLU B 17 -8.32 -21.78 -12.73
CA GLU B 17 -8.79 -22.91 -13.53
C GLU B 17 -8.12 -24.17 -12.99
N ASN B 18 -8.92 -25.22 -12.79
CA ASN B 18 -8.43 -26.41 -12.12
C ASN B 18 -7.28 -27.06 -12.89
N GLY B 19 -6.20 -27.37 -12.16
CA GLY B 19 -5.05 -28.03 -12.74
C GLY B 19 -3.89 -27.12 -13.09
N LYS B 20 -4.11 -25.80 -13.12
CA LYS B 20 -3.07 -24.88 -13.56
C LYS B 20 -2.47 -24.15 -12.37
N PRO B 21 -1.15 -23.99 -12.30
CA PRO B 21 -0.55 -23.32 -11.15
C PRO B 21 -0.96 -21.86 -11.10
N ASN B 22 -0.90 -21.31 -9.88
CA ASN B 22 -1.43 -19.99 -9.59
C ASN B 22 -0.87 -19.56 -8.24
N TYR B 23 -1.27 -18.38 -7.79
CA TYR B 23 -0.88 -17.88 -6.47
C TYR B 23 -2.13 -17.59 -5.66
N LEU B 24 -2.17 -18.11 -4.44
CA LEU B 24 -3.21 -17.75 -3.49
C LEU B 24 -2.73 -16.56 -2.68
N ASN B 25 -3.56 -15.52 -2.61
CA ASN B 25 -3.28 -14.26 -1.97
C ASN B 25 -4.31 -14.00 -0.88
N CYS B 26 -3.83 -13.56 0.28
CA CYS B 26 -4.66 -12.92 1.29
C CYS B 26 -4.12 -11.50 1.48
N TYR B 27 -4.93 -10.52 1.14
CA TYR B 27 -4.60 -9.11 1.25
C TYR B 27 -5.30 -8.56 2.49
N VAL B 28 -4.51 -8.14 3.47
CA VAL B 28 -5.03 -7.51 4.68
C VAL B 28 -4.73 -6.02 4.57
N SER B 29 -5.73 -5.21 4.88
CA SER B 29 -5.57 -3.77 4.69
C SER B 29 -6.38 -3.01 5.74
N GLY B 30 -6.07 -1.71 5.85
CA GLY B 30 -6.85 -0.85 6.71
C GLY B 30 -6.74 -1.15 8.19
N PHE B 31 -5.65 -1.75 8.64
CA PHE B 31 -5.47 -2.11 10.04
C PHE B 31 -4.36 -1.28 10.68
N HIS B 32 -4.40 -1.27 12.01
CA HIS B 32 -3.52 -0.47 12.88
C HIS B 32 -3.75 -0.95 14.30
N PRO B 33 -2.69 -1.17 15.11
CA PRO B 33 -1.24 -1.09 14.92
C PRO B 33 -0.71 -2.19 13.97
N PRO B 34 0.60 -2.20 13.65
CA PRO B 34 1.07 -3.05 12.56
C PRO B 34 1.16 -4.53 12.88
N GLN B 35 1.17 -4.93 14.15
CA GLN B 35 1.36 -6.34 14.46
C GLN B 35 0.13 -7.15 14.06
N ILE B 36 0.37 -8.24 13.33
CA ILE B 36 -0.70 -9.03 12.72
C ILE B 36 -0.13 -10.39 12.38
N GLU B 37 -0.97 -11.42 12.43
CA GLU B 37 -0.59 -12.78 12.10
C GLU B 37 -1.49 -13.29 10.98
N ILE B 38 -0.90 -13.83 9.92
CA ILE B 38 -1.68 -14.32 8.79
C ILE B 38 -1.22 -15.73 8.45
N ASP B 39 -2.20 -16.62 8.29
CA ASP B 39 -1.96 -17.99 7.86
C ASP B 39 -2.85 -18.32 6.68
N LEU B 40 -2.27 -18.93 5.65
CA LEU B 40 -3.06 -19.49 4.56
C LEU B 40 -3.31 -20.97 4.86
N LEU B 41 -4.55 -21.41 4.65
CA LEU B 41 -4.91 -22.76 5.03
C LEU B 41 -5.56 -23.50 3.86
N LYS B 42 -5.11 -24.74 3.68
CA LYS B 42 -5.67 -25.67 2.70
C LYS B 42 -6.45 -26.74 3.46
N ASN B 43 -7.77 -26.78 3.24
CA ASN B 43 -8.66 -27.73 3.91
C ASN B 43 -8.53 -27.63 5.42
N GLY B 44 -8.38 -26.40 5.92
CA GLY B 44 -8.28 -26.15 7.34
C GLY B 44 -6.89 -26.29 7.92
N GLU B 45 -5.89 -26.66 7.13
CA GLU B 45 -4.53 -26.89 7.60
C GLU B 45 -3.59 -25.82 7.05
N LYS B 46 -2.67 -25.36 7.90
CA LYS B 46 -1.80 -24.23 7.56
C LYS B 46 -0.80 -24.61 6.48
N MET B 47 -0.51 -23.65 5.61
CA MET B 47 0.48 -23.79 4.54
C MET B 47 1.70 -22.93 4.84
N ASN B 48 2.61 -22.83 3.88
CA ASN B 48 3.85 -22.07 4.02
C ASN B 48 3.84 -20.93 3.02
N ALA B 49 3.99 -19.70 3.52
CA ALA B 49 3.66 -18.51 2.74
C ALA B 49 4.76 -17.46 2.82
N GLU B 50 4.80 -16.61 1.80
CA GLU B 50 5.61 -15.40 1.77
C GLU B 50 4.71 -14.19 1.98
N GLN B 51 5.33 -13.02 2.12
CA GLN B 51 4.55 -11.81 2.35
C GLN B 51 5.31 -10.59 1.88
N SER B 52 4.55 -9.58 1.46
CA SER B 52 5.13 -8.32 1.03
C SER B 52 5.64 -7.53 2.22
N ASP B 53 6.25 -6.40 1.91
CA ASP B 53 6.80 -5.54 2.94
C ASP B 53 5.73 -4.61 3.48
N LEU B 54 5.83 -4.33 4.77
CA LEU B 54 4.83 -3.52 5.45
C LEU B 54 4.84 -2.10 4.89
N SER B 55 3.67 -1.65 4.45
CA SER B 55 3.47 -0.29 3.97
C SER B 55 2.11 0.16 4.46
N PHE B 56 1.75 1.40 4.12
CA PHE B 56 0.47 1.94 4.58
C PHE B 56 -0.11 2.86 3.51
N SER B 57 -1.40 3.13 3.66
CA SER B 57 -2.15 3.97 2.73
C SER B 57 -2.10 5.42 3.16
N LYS B 58 -2.77 6.28 2.39
CA LYS B 58 -2.78 7.71 2.69
C LYS B 58 -3.39 8.01 4.06
N ASP B 59 -4.32 7.17 4.51
CA ASP B 59 -4.96 7.37 5.81
C ASP B 59 -4.19 6.74 6.97
N TRP B 60 -2.95 6.32 6.73
CA TRP B 60 -1.99 5.76 7.68
C TRP B 60 -2.25 4.30 8.04
N SER B 61 -3.32 3.68 7.53
CA SER B 61 -3.60 2.29 7.84
C SER B 61 -2.71 1.36 7.04
N PHE B 62 -2.32 0.25 7.66
CA PHE B 62 -1.35 -0.66 7.08
C PHE B 62 -1.99 -1.64 6.11
N TYR B 63 -1.18 -2.21 5.23
CA TYR B 63 -1.62 -3.29 4.36
C TYR B 63 -0.46 -4.24 4.10
N LEU B 64 -0.80 -5.52 3.95
CA LEU B 64 0.14 -6.59 3.67
C LEU B 64 -0.49 -7.58 2.71
N LEU B 65 0.35 -8.23 1.93
CA LEU B 65 -0.07 -9.30 1.03
C LEU B 65 0.70 -10.55 1.37
N VAL B 66 0.00 -11.58 1.83
CA VAL B 66 0.59 -12.90 2.00
C VAL B 66 0.17 -13.75 0.81
N HIS B 67 1.06 -14.62 0.36
CA HIS B 67 0.76 -15.38 -0.85
C HIS B 67 1.57 -16.66 -0.86
N THR B 68 1.09 -17.61 -1.65
CA THR B 68 1.78 -18.89 -1.80
C THR B 68 1.38 -19.54 -3.12
N GLU B 69 2.30 -20.29 -3.69
CA GLU B 69 1.99 -21.04 -4.91
C GLU B 69 0.98 -22.13 -4.60
N PHE B 70 0.00 -22.28 -5.50
CA PHE B 70 -0.98 -23.34 -5.31
C PHE B 70 -1.61 -23.70 -6.65
N THR B 71 -2.11 -24.92 -6.73
CA THR B 71 -2.82 -25.40 -7.92
C THR B 71 -4.25 -25.69 -7.54
N PRO B 72 -5.22 -24.88 -7.98
CA PRO B 72 -6.61 -25.11 -7.57
C PRO B 72 -7.18 -26.36 -8.21
N ASN B 73 -8.21 -26.90 -7.57
CA ASN B 73 -9.04 -27.94 -8.14
C ASN B 73 -10.45 -27.77 -7.58
N ALA B 74 -11.34 -28.70 -7.90
CA ALA B 74 -12.76 -28.48 -7.66
C ALA B 74 -13.12 -28.50 -6.18
N VAL B 75 -12.45 -29.35 -5.40
CA VAL B 75 -12.92 -29.68 -4.06
C VAL B 75 -12.03 -29.12 -2.96
N ASP B 76 -10.72 -28.99 -3.19
CA ASP B 76 -9.84 -28.41 -2.17
C ASP B 76 -10.34 -27.03 -1.76
N GLN B 77 -10.37 -26.79 -0.45
CA GLN B 77 -10.85 -25.54 0.11
C GLN B 77 -9.69 -24.76 0.72
N TYR B 78 -9.65 -23.47 0.42
CA TYR B 78 -8.59 -22.58 0.87
C TYR B 78 -9.18 -21.41 1.64
N SER B 79 -8.38 -20.86 2.55
CA SER B 79 -8.85 -19.73 3.35
C SER B 79 -7.68 -18.96 3.91
N CYS B 80 -7.97 -17.77 4.43
CA CYS B 80 -7.02 -16.93 5.14
C CYS B 80 -7.48 -16.74 6.57
N ARG B 81 -6.54 -16.86 7.51
CA ARG B 81 -6.82 -16.72 8.94
C ARG B 81 -5.95 -15.61 9.49
N VAL B 82 -6.59 -14.63 10.13
CA VAL B 82 -5.94 -13.38 10.51
C VAL B 82 -6.13 -13.17 12.01
N LYS B 83 -5.05 -12.75 12.68
CA LYS B 83 -5.06 -12.43 14.09
C LYS B 83 -4.53 -11.01 14.28
N HIS B 84 -5.23 -10.24 15.09
CA HIS B 84 -4.92 -8.83 15.33
C HIS B 84 -5.48 -8.46 16.69
N VAL B 85 -4.94 -7.37 17.26
CA VAL B 85 -5.37 -6.95 18.59
C VAL B 85 -6.87 -6.63 18.60
N THR B 86 -7.42 -6.21 17.47
CA THR B 86 -8.84 -5.89 17.37
C THR B 86 -9.73 -7.13 17.32
N LEU B 87 -9.14 -8.32 17.14
CA LEU B 87 -9.90 -9.54 16.95
C LEU B 87 -9.87 -10.38 18.22
N ASP B 88 -11.04 -10.61 18.80
CA ASP B 88 -11.12 -11.43 20.00
C ASP B 88 -10.76 -12.90 19.73
N LYS B 89 -11.01 -13.37 18.51
CA LYS B 89 -10.54 -14.68 18.04
C LYS B 89 -10.06 -14.52 16.60
N PRO B 90 -9.18 -15.40 16.12
CA PRO B 90 -8.72 -15.28 14.73
C PRO B 90 -9.86 -15.40 13.73
N LYS B 91 -9.85 -14.51 12.73
CA LYS B 91 -10.91 -14.41 11.74
C LYS B 91 -10.52 -15.21 10.49
N ILE B 92 -11.44 -16.03 10.01
CA ILE B 92 -11.23 -16.86 8.83
C ILE B 92 -12.12 -16.35 7.70
N VAL B 93 -11.52 -16.13 6.53
CA VAL B 93 -12.25 -15.77 5.31
C VAL B 93 -11.91 -16.81 4.25
N LYS B 94 -12.93 -17.44 3.68
CA LYS B 94 -12.72 -18.54 2.75
C LYS B 94 -12.58 -18.03 1.32
N TRP B 95 -11.77 -18.74 0.54
CA TRP B 95 -11.55 -18.36 -0.84
C TRP B 95 -12.75 -18.73 -1.68
N ASP B 96 -13.23 -17.78 -2.48
CA ASP B 96 -14.28 -17.99 -3.46
C ASP B 96 -13.74 -17.48 -4.79
N ARG B 97 -13.44 -18.40 -5.72
CA ARG B 97 -12.77 -18.03 -6.96
C ARG B 97 -13.61 -17.07 -7.81
N ASP B 98 -14.86 -16.81 -7.44
CA ASP B 98 -15.64 -15.74 -8.04
C ASP B 98 -15.78 -14.53 -7.13
N HIS B 99 -15.46 -14.68 -5.84
CA HIS B 99 -15.65 -13.66 -4.81
C HIS B 99 -17.13 -13.44 -4.51
N MET C 1 16.68 7.74 -3.92
CA MET C 1 17.53 7.62 -2.74
C MET C 1 16.85 8.24 -1.53
N THR C 2 16.97 7.57 -0.38
CA THR C 2 16.34 8.07 0.84
C THR C 2 16.94 9.40 1.25
N ALA C 3 16.20 10.12 2.10
CA ALA C 3 16.64 11.40 2.61
C ALA C 3 17.41 11.22 3.91
N HIS C 4 18.42 12.06 4.10
CA HIS C 4 19.13 12.10 5.37
C HIS C 4 18.23 12.70 6.44
N ILE C 5 18.24 12.07 7.62
CA ILE C 5 17.45 12.59 8.73
C ILE C 5 18.26 13.71 9.40
N THR C 6 17.68 14.91 9.43
CA THR C 6 18.42 16.11 9.80
C THR C 6 17.95 16.74 11.10
N VAL C 7 16.80 16.35 11.64
CA VAL C 7 16.32 16.88 12.90
C VAL C 7 15.70 15.76 13.72
N PRO C 8 15.71 15.90 15.04
CA PRO C 8 14.92 15.00 15.88
C PRO C 8 13.52 15.57 16.06
N TYR C 9 12.66 14.76 16.67
CA TYR C 9 11.29 15.18 16.92
C TYR C 9 11.22 16.07 18.16
#